data_4M1X
#
_entry.id   4M1X
#
_cell.length_a   88.098
_cell.length_b   52.672
_cell.length_c   62.302
_cell.angle_alpha   90.00
_cell.angle_beta   90.00
_cell.angle_gamma   90.00
#
_symmetry.space_group_name_H-M   'P 21 21 2'
#
loop_
_entity.id
_entity.type
_entity.pdbx_description
1 polymer 'uncharacterized protein 201phi2-1p060'
2 non-polymer DI(HYDROXYETHYL)ETHER
3 water water
#
_entity_poly.entity_id   1
_entity_poly.type   'polypeptide(L)'
_entity_poly.pdbx_seq_one_letter_code
;GSHMASQDNDDIFGNDSPEVPIFRKNLEKFKFSKGDGIKFSNTTFHIYEATRNYVTIHILKKYATAELMEFMHTRHDAVY
IGPILEWTDGVHLTFRRKS
;
_entity_poly.pdbx_strand_id   A,B,C,D
#
# COMPACT_ATOMS: atom_id res chain seq x y z
N LEU A 27 -22.60 -25.93 6.14
CA LEU A 27 -21.27 -25.39 5.85
C LEU A 27 -21.35 -24.13 5.01
N GLU A 28 -20.36 -23.25 5.15
CA GLU A 28 -20.18 -22.13 4.23
C GLU A 28 -19.61 -22.64 2.89
N LYS A 29 -20.37 -22.45 1.83
CA LYS A 29 -19.97 -22.87 0.48
C LYS A 29 -18.90 -21.97 -0.13
N PHE A 30 -18.90 -20.71 0.23
CA PHE A 30 -17.90 -19.78 -0.27
C PHE A 30 -16.67 -19.88 0.62
N LYS A 31 -15.91 -20.90 0.38
CA LYS A 31 -14.75 -21.24 1.14
C LYS A 31 -13.72 -21.89 0.24
N PHE A 32 -12.56 -21.27 0.24
CA PHE A 32 -11.46 -21.64 -0.63
C PHE A 32 -10.12 -21.44 0.06
N SER A 33 -9.10 -22.15 -0.41
CA SER A 33 -7.76 -22.04 0.13
CA SER A 33 -7.75 -22.05 0.13
C SER A 33 -6.76 -21.78 -1.00
N LYS A 34 -6.00 -20.69 -0.87
CA LYS A 34 -4.98 -20.35 -1.86
C LYS A 34 -4.09 -21.55 -2.16
N GLY A 35 -3.91 -21.84 -3.46
CA GLY A 35 -3.07 -22.93 -3.91
C GLY A 35 -3.80 -24.21 -4.26
N ASP A 36 -5.01 -24.38 -3.74
CA ASP A 36 -5.75 -25.61 -4.01
C ASP A 36 -6.09 -25.73 -5.50
N GLY A 37 -6.08 -26.97 -5.96
CA GLY A 37 -6.65 -27.34 -7.24
C GLY A 37 -8.02 -27.95 -7.06
N ILE A 38 -8.96 -27.56 -7.90
CA ILE A 38 -10.33 -28.07 -7.91
C ILE A 38 -10.63 -28.64 -9.29
N LYS A 39 -11.07 -29.89 -9.32
CA LYS A 39 -11.45 -30.55 -10.57
C LYS A 39 -12.77 -30.01 -11.09
N PHE A 40 -12.79 -29.70 -12.37
CA PHE A 40 -13.96 -29.16 -13.04
C PHE A 40 -13.91 -29.64 -14.47
N SER A 41 -14.99 -30.22 -14.95
CA SER A 41 -15.02 -30.72 -16.31
C SER A 41 -13.80 -31.62 -16.54
N ASN A 42 -13.07 -31.40 -17.63
CA ASN A 42 -11.86 -32.19 -17.91
C ASN A 42 -10.59 -31.43 -17.57
N THR A 43 -10.68 -30.51 -16.61
CA THR A 43 -9.54 -29.69 -16.23
C THR A 43 -9.47 -29.56 -14.70
N THR A 44 -8.50 -28.76 -14.25
CA THR A 44 -8.34 -28.40 -12.85
C THR A 44 -8.09 -26.92 -12.79
N PHE A 45 -8.86 -26.19 -11.99
CA PHE A 45 -8.56 -24.78 -11.75
C PHE A 45 -7.92 -24.61 -10.39
N HIS A 46 -7.22 -23.49 -10.19
CA HIS A 46 -6.47 -23.27 -8.98
C HIS A 46 -6.88 -21.98 -8.31
N ILE A 47 -6.81 -21.97 -6.98
CA ILE A 47 -7.15 -20.78 -6.22
C ILE A 47 -5.95 -19.85 -6.11
N TYR A 48 -6.07 -18.66 -6.69
CA TYR A 48 -5.04 -17.63 -6.59
C TYR A 48 -5.14 -16.86 -5.28
N GLU A 49 -6.33 -16.34 -5.00
CA GLU A 49 -6.62 -15.60 -3.76
C GLU A 49 -8.02 -15.90 -3.31
N ALA A 50 -8.22 -15.89 -2.00
CA ALA A 50 -9.54 -16.11 -1.44
C ALA A 50 -9.72 -15.28 -0.19
N THR A 51 -10.81 -14.53 -0.14
CA THR A 51 -11.14 -13.68 0.98
C THR A 51 -12.56 -14.04 1.41
N ARG A 52 -13.08 -13.32 2.39
CA ARG A 52 -14.40 -13.63 2.89
C ARG A 52 -15.47 -13.52 1.82
N ASN A 53 -15.30 -12.56 0.92
CA ASN A 53 -16.33 -12.24 -0.07
C ASN A 53 -15.91 -12.34 -1.52
N TYR A 54 -14.63 -12.63 -1.78
CA TYR A 54 -14.13 -12.70 -3.15
C TYR A 54 -13.17 -13.87 -3.33
N VAL A 55 -13.08 -14.36 -4.55
CA VAL A 55 -12.14 -15.41 -4.90
C VAL A 55 -11.64 -15.18 -6.31
N THR A 56 -10.35 -15.40 -6.53
CA THR A 56 -9.78 -15.35 -7.87
C THR A 56 -9.23 -16.72 -8.18
N ILE A 57 -9.68 -17.28 -9.29
CA ILE A 57 -9.21 -18.58 -9.77
C ILE A 57 -8.37 -18.43 -11.03
N HIS A 58 -7.53 -19.44 -11.26
CA HIS A 58 -6.70 -19.56 -12.45
C HIS A 58 -7.22 -20.75 -13.25
N ILE A 59 -7.56 -20.53 -14.51
CA ILE A 59 -8.13 -21.58 -15.34
C ILE A 59 -7.85 -21.25 -16.80
N LEU A 60 -7.85 -22.24 -17.68
CA LEU A 60 -7.77 -21.95 -19.11
C LEU A 60 -8.97 -21.13 -19.55
N LYS A 61 -8.72 -20.16 -20.41
CA LYS A 61 -9.71 -19.17 -20.79
C LYS A 61 -10.95 -19.78 -21.43
N LYS A 62 -10.78 -20.86 -22.18
CA LYS A 62 -11.92 -21.47 -22.87
C LYS A 62 -13.00 -21.95 -21.90
N TYR A 63 -12.63 -22.16 -20.64
CA TYR A 63 -13.58 -22.63 -19.63
C TYR A 63 -14.36 -21.50 -18.95
N ALA A 64 -14.15 -20.25 -19.37
CA ALA A 64 -14.84 -19.11 -18.74
C ALA A 64 -16.22 -18.94 -19.36
N THR A 65 -17.07 -19.93 -19.16
CA THR A 65 -18.37 -20.07 -19.80
C THR A 65 -19.37 -20.67 -18.80
N ALA A 66 -20.58 -20.95 -19.29
CA ALA A 66 -21.71 -21.29 -18.42
C ALA A 66 -21.47 -22.46 -17.50
N GLU A 67 -20.81 -23.52 -17.96
CA GLU A 67 -20.63 -24.69 -17.10
C GLU A 67 -19.81 -24.33 -15.85
N LEU A 68 -18.74 -23.57 -16.03
CA LEU A 68 -17.97 -23.10 -14.89
C LEU A 68 -18.82 -22.19 -14.00
N MET A 69 -19.56 -21.29 -14.63
CA MET A 69 -20.36 -20.37 -13.82
C MET A 69 -21.36 -21.13 -12.96
N GLU A 70 -21.98 -22.16 -13.53
CA GLU A 70 -22.93 -22.98 -12.77
C GLU A 70 -22.24 -23.68 -11.59
N PHE A 71 -21.06 -24.22 -11.85
CA PHE A 71 -20.29 -24.91 -10.80
C PHE A 71 -19.99 -23.95 -9.66
N MET A 72 -19.46 -22.77 -9.99
CA MET A 72 -19.12 -21.80 -8.97
C MET A 72 -20.34 -21.30 -8.20
N HIS A 73 -21.44 -21.08 -8.91
CA HIS A 73 -22.66 -20.54 -8.31
C HIS A 73 -23.28 -21.55 -7.38
N THR A 74 -23.46 -22.76 -7.85
CA THR A 74 -24.19 -23.78 -7.12
C THR A 74 -23.33 -24.42 -6.02
N ARG A 75 -22.08 -24.73 -6.31
CA ARG A 75 -21.23 -25.38 -5.31
C ARG A 75 -20.57 -24.40 -4.33
N HIS A 76 -20.37 -23.15 -4.74
CA HIS A 76 -19.62 -22.20 -3.91
C HIS A 76 -20.25 -20.84 -3.68
N ASP A 77 -21.51 -20.66 -4.09
CA ASP A 77 -22.18 -19.38 -3.89
C ASP A 77 -21.34 -18.22 -4.44
N ALA A 78 -20.72 -18.45 -5.60
CA ALA A 78 -19.79 -17.50 -6.20
C ALA A 78 -20.29 -17.10 -7.58
N VAL A 79 -20.33 -15.79 -7.86
N VAL A 79 -20.22 -15.79 -7.86
CA VAL A 79 -20.76 -15.28 -9.17
CA VAL A 79 -20.75 -15.17 -9.07
C VAL A 79 -19.67 -14.38 -9.76
C VAL A 79 -19.65 -14.35 -9.75
N TYR A 80 -19.55 -14.44 -11.07
CA TYR A 80 -18.47 -13.77 -11.79
C TYR A 80 -18.62 -12.26 -11.80
N ILE A 81 -17.54 -11.56 -11.42
CA ILE A 81 -17.48 -10.09 -11.55
C ILE A 81 -16.36 -9.62 -12.46
N GLY A 82 -15.34 -10.43 -12.69
CA GLY A 82 -14.17 -9.97 -13.43
C GLY A 82 -13.26 -9.09 -12.58
N PRO A 83 -12.27 -8.47 -13.22
CA PRO A 83 -11.93 -8.61 -14.64
C PRO A 83 -11.25 -9.95 -14.95
N ILE A 84 -11.03 -10.18 -16.23
CA ILE A 84 -10.34 -11.36 -16.74
C ILE A 84 -8.91 -10.96 -17.10
N LEU A 85 -7.92 -11.57 -16.46
CA LEU A 85 -6.52 -11.21 -16.61
C LEU A 85 -5.75 -12.32 -17.31
N GLU A 86 -4.97 -11.98 -18.31
CA GLU A 86 -4.20 -12.98 -19.07
C GLU A 86 -2.85 -13.30 -18.45
N TRP A 87 -2.56 -14.59 -18.37
CA TRP A 87 -1.25 -15.09 -17.92
C TRP A 87 -0.75 -16.11 -18.92
N THR A 88 0.47 -16.60 -18.73
CA THR A 88 1.07 -17.47 -19.74
C THR A 88 0.41 -18.82 -19.90
N ASP A 89 -0.25 -19.31 -18.84
CA ASP A 89 -0.86 -20.64 -18.89
C ASP A 89 -2.34 -20.65 -18.55
N GLY A 90 -2.97 -19.48 -18.54
CA GLY A 90 -4.37 -19.40 -18.23
C GLY A 90 -4.74 -17.98 -17.90
N VAL A 91 -5.92 -17.80 -17.34
CA VAL A 91 -6.43 -16.49 -16.96
C VAL A 91 -6.82 -16.50 -15.49
N HIS A 92 -6.76 -15.31 -14.89
CA HIS A 92 -7.43 -15.05 -13.63
C HIS A 92 -8.84 -14.58 -13.88
N LEU A 93 -9.77 -15.15 -13.10
CA LEU A 93 -11.17 -14.75 -13.05
C LEU A 93 -11.56 -14.49 -11.61
N THR A 94 -12.19 -13.36 -11.35
CA THR A 94 -12.61 -13.01 -10.00
C THR A 94 -14.13 -13.12 -9.87
N PHE A 95 -14.51 -13.73 -8.75
CA PHE A 95 -15.88 -13.98 -8.37
C PHE A 95 -16.18 -13.35 -7.00
N ARG A 96 -17.45 -13.01 -6.80
N ARG A 96 -17.45 -12.99 -6.81
CA ARG A 96 -17.96 -12.47 -5.54
CA ARG A 96 -17.98 -12.44 -5.56
C ARG A 96 -18.88 -13.47 -4.89
C ARG A 96 -18.88 -13.46 -4.89
N ARG A 97 -18.92 -13.46 -3.56
CA ARG A 97 -19.87 -14.27 -2.84
C ARG A 97 -21.30 -13.72 -3.01
N LYS A 98 -22.25 -14.57 -3.34
CA LYS A 98 -23.65 -14.14 -3.46
C LYS A 98 -24.57 -14.39 -2.24
N SER A 99 -24.26 -15.39 -1.41
CA SER A 99 -25.09 -15.66 -0.21
C SER A 99 -24.31 -16.45 0.83
N LEU B 27 -11.60 15.69 6.07
CA LEU B 27 -11.08 16.77 6.89
C LEU B 27 -9.60 16.60 7.22
N GLU B 28 -9.08 15.39 7.02
N GLU B 28 -9.07 15.40 7.01
CA GLU B 28 -7.73 15.07 7.49
CA GLU B 28 -7.72 15.08 7.47
C GLU B 28 -6.59 15.73 6.70
C GLU B 28 -6.59 15.76 6.68
N LYS B 29 -5.75 16.42 7.45
CA LYS B 29 -4.64 17.16 6.91
C LYS B 29 -3.45 16.28 6.55
N PHE B 30 -3.25 15.19 7.29
CA PHE B 30 -2.09 14.32 7.07
C PHE B 30 -2.47 13.32 5.99
N LYS B 31 -2.42 13.80 4.76
CA LYS B 31 -2.92 13.08 3.61
C LYS B 31 -2.08 13.54 2.41
N PHE B 32 -1.50 12.58 1.69
CA PHE B 32 -0.58 12.88 0.59
C PHE B 32 -0.76 11.86 -0.50
N SER B 33 -0.44 12.26 -1.72
CA SER B 33 -0.54 11.37 -2.87
CA SER B 33 -0.55 11.36 -2.87
C SER B 33 0.84 11.06 -3.41
N LYS B 34 1.24 9.80 -3.31
CA LYS B 34 2.54 9.38 -3.78
C LYS B 34 2.77 9.86 -5.22
N GLY B 35 3.91 10.51 -5.45
CA GLY B 35 4.26 11.01 -6.77
C GLY B 35 3.85 12.45 -7.05
N ASP B 36 3.00 13.01 -6.20
N ASP B 36 2.99 13.00 -6.20
CA ASP B 36 2.47 14.37 -6.38
CA ASP B 36 2.53 14.39 -6.34
C ASP B 36 3.54 15.43 -6.18
C ASP B 36 3.66 15.38 -6.27
N GLY B 37 3.50 16.49 -6.98
CA GLY B 37 4.32 17.68 -6.78
C GLY B 37 3.51 18.76 -6.09
N ILE B 38 4.12 19.38 -5.08
CA ILE B 38 3.51 20.47 -4.33
C ILE B 38 4.38 21.70 -4.47
N LYS B 39 3.76 22.81 -4.88
CA LYS B 39 4.46 24.07 -4.98
C LYS B 39 4.83 24.59 -3.60
N PHE B 40 6.07 25.04 -3.44
CA PHE B 40 6.55 25.58 -2.17
C PHE B 40 7.58 26.64 -2.50
N SER B 41 7.37 27.86 -2.02
CA SER B 41 8.29 28.94 -2.30
C SER B 41 8.47 29.01 -3.82
N ASN B 42 9.71 29.12 -4.28
CA ASN B 42 9.99 29.15 -5.72
C ASN B 42 10.41 27.79 -6.27
N THR B 43 9.99 26.72 -5.61
CA THR B 43 10.31 25.38 -6.06
C THR B 43 9.08 24.46 -5.96
N THR B 44 9.33 23.17 -6.14
N THR B 44 9.30 23.17 -6.15
CA THR B 44 8.35 22.12 -5.99
CA THR B 44 8.27 22.14 -5.93
C THR B 44 9.00 21.05 -5.12
C THR B 44 8.89 20.93 -5.30
N PHE B 45 8.20 20.38 -4.31
CA PHE B 45 8.65 19.15 -3.68
C PHE B 45 7.75 18.02 -4.11
N HIS B 46 8.27 16.81 -4.00
CA HIS B 46 7.52 15.65 -4.42
C HIS B 46 7.30 14.66 -3.31
N ILE B 47 6.16 14.01 -3.34
CA ILE B 47 5.83 12.99 -2.37
C ILE B 47 6.50 11.68 -2.78
N TYR B 48 7.53 11.28 -2.06
CA TYR B 48 8.22 10.02 -2.33
C TYR B 48 7.42 8.82 -1.81
N GLU B 49 7.04 8.88 -0.53
CA GLU B 49 6.26 7.82 0.11
C GLU B 49 5.30 8.46 1.09
N ALA B 50 4.15 7.83 1.28
CA ALA B 50 3.16 8.29 2.25
C ALA B 50 2.50 7.08 2.86
N THR B 51 2.49 7.05 4.18
CA THR B 51 1.87 5.97 4.94
C THR B 51 0.93 6.55 5.97
N ARG B 52 0.32 5.69 6.77
CA ARG B 52 -0.66 6.15 7.72
C ARG B 52 -0.07 7.20 8.70
N ASN B 53 1.19 7.02 9.10
CA ASN B 53 1.82 7.84 10.13
C ASN B 53 3.04 8.64 9.69
N TYR B 54 3.51 8.43 8.44
CA TYR B 54 4.75 9.02 7.98
C TYR B 54 4.64 9.48 6.54
N VAL B 55 5.47 10.45 6.18
CA VAL B 55 5.56 10.90 4.81
C VAL B 55 7.01 11.30 4.53
N THR B 56 7.47 10.96 3.33
CA THR B 56 8.79 11.38 2.89
C THR B 56 8.66 12.21 1.62
N ILE B 57 9.31 13.36 1.63
CA ILE B 57 9.28 14.26 0.50
C ILE B 57 10.70 14.42 -0.07
N HIS B 58 10.76 14.76 -1.34
CA HIS B 58 12.00 15.07 -2.05
C HIS B 58 11.99 16.55 -2.37
N ILE B 59 13.05 17.24 -1.98
CA ILE B 59 13.14 18.68 -2.17
C ILE B 59 14.61 19.09 -2.25
N LEU B 60 14.91 20.20 -2.89
CA LEU B 60 16.28 20.71 -2.86
C LEU B 60 16.69 21.02 -1.41
N LYS B 61 17.95 20.73 -1.10
CA LYS B 61 18.47 20.81 0.27
C LYS B 61 18.19 22.12 0.95
N LYS B 62 18.38 23.25 0.25
CA LYS B 62 18.30 24.53 0.94
C LYS B 62 16.92 24.84 1.50
N TYR B 63 15.89 24.14 1.03
CA TYR B 63 14.55 24.37 1.48
C TYR B 63 14.16 23.57 2.73
N ALA B 64 15.11 22.79 3.29
CA ALA B 64 14.82 21.96 4.46
C ALA B 64 14.99 22.80 5.74
N THR B 65 14.14 23.82 5.85
CA THR B 65 14.28 24.87 6.85
C THR B 65 12.89 25.29 7.36
N ALA B 66 12.85 26.33 8.18
CA ALA B 66 11.65 26.72 8.92
C ALA B 66 10.39 26.94 8.10
N GLU B 67 10.51 27.59 6.95
N GLU B 67 10.51 27.56 6.93
CA GLU B 67 9.32 27.86 6.14
CA GLU B 67 9.31 27.86 6.16
C GLU B 67 8.65 26.56 5.74
C GLU B 67 8.64 26.58 5.64
N LEU B 68 9.44 25.58 5.29
CA LEU B 68 8.87 24.27 4.92
C LEU B 68 8.27 23.61 6.14
N MET B 69 8.97 23.67 7.28
CA MET B 69 8.44 23.01 8.47
C MET B 69 7.10 23.60 8.85
N GLU B 70 6.98 24.93 8.75
CA GLU B 70 5.75 25.59 9.11
C GLU B 70 4.62 25.13 8.20
N PHE B 71 4.90 25.04 6.91
CA PHE B 71 3.90 24.57 5.97
C PHE B 71 3.44 23.15 6.28
N MET B 72 4.39 22.24 6.45
CA MET B 72 4.04 20.85 6.71
C MET B 72 3.26 20.70 8.02
N HIS B 73 3.66 21.46 9.02
CA HIS B 73 3.02 21.44 10.33
C HIS B 73 1.59 21.96 10.27
N THR B 74 1.42 23.14 9.69
N THR B 74 1.41 23.15 9.69
CA THR B 74 0.14 23.82 9.70
CA THR B 74 0.11 23.82 9.72
C THR B 74 -0.83 23.25 8.68
C THR B 74 -0.86 23.37 8.65
N ARG B 75 -0.37 23.01 7.46
CA ARG B 75 -1.25 22.53 6.41
C ARG B 75 -1.49 21.03 6.51
N HIS B 76 -0.49 20.28 6.97
CA HIS B 76 -0.58 18.81 6.88
C HIS B 76 -0.41 18.05 8.19
N ASP B 77 -0.36 18.75 9.32
CA ASP B 77 -0.25 18.07 10.60
C ASP B 77 0.96 17.13 10.63
N ALA B 78 2.03 17.57 9.99
CA ALA B 78 3.26 16.77 9.91
C ALA B 78 4.39 17.46 10.67
N VAL B 79 5.22 16.67 11.34
CA VAL B 79 6.35 17.20 12.10
C VAL B 79 7.62 16.43 11.77
N TYR B 80 8.64 17.16 11.33
CA TYR B 80 9.92 16.55 10.97
C TYR B 80 10.36 15.55 12.04
N ILE B 81 10.83 14.42 11.55
N ILE B 81 10.76 14.43 11.47
CA ILE B 81 11.54 13.43 12.35
CA ILE B 81 11.47 13.44 12.27
C ILE B 81 12.90 13.04 11.78
C ILE B 81 12.84 13.05 11.71
N GLY B 82 13.09 13.18 10.47
CA GLY B 82 14.31 12.73 9.85
C GLY B 82 14.29 11.24 9.54
N PRO B 83 15.42 10.73 9.04
CA PRO B 83 16.63 11.50 8.73
C PRO B 83 16.49 12.33 7.45
N ILE B 84 17.48 13.18 7.23
CA ILE B 84 17.68 13.82 5.93
C ILE B 84 18.65 12.95 5.15
N LEU B 85 18.24 12.57 3.95
CA LEU B 85 19.07 11.78 3.05
C LEU B 85 19.51 12.68 1.90
N GLU B 86 20.81 12.98 1.85
CA GLU B 86 21.32 13.91 0.85
C GLU B 86 21.77 13.14 -0.37
N TRP B 87 21.21 13.52 -1.51
CA TRP B 87 21.56 12.96 -2.80
C TRP B 87 22.09 14.06 -3.70
N THR B 88 22.61 13.69 -4.85
CA THR B 88 23.19 14.69 -5.74
C THR B 88 22.16 15.71 -6.23
N ASP B 89 20.90 15.29 -6.43
CA ASP B 89 19.81 16.15 -6.98
C ASP B 89 18.77 16.69 -5.99
N GLY B 90 18.98 16.48 -4.72
CA GLY B 90 17.98 16.84 -3.73
C GLY B 90 18.14 15.98 -2.52
N VAL B 91 17.22 16.17 -1.59
CA VAL B 91 17.21 15.42 -0.34
C VAL B 91 15.86 14.79 -0.10
N HIS B 92 15.86 13.68 0.63
CA HIS B 92 14.65 13.14 1.23
C HIS B 92 14.54 13.59 2.68
N LEU B 93 13.34 13.99 3.05
CA LEU B 93 13.00 14.39 4.43
C LEU B 93 11.79 13.58 4.87
N THR B 94 11.86 12.99 6.06
CA THR B 94 10.72 12.26 6.60
C THR B 94 10.08 12.98 7.78
N PHE B 95 8.76 12.96 7.76
CA PHE B 95 7.90 13.62 8.74
C PHE B 95 6.96 12.58 9.33
N ARG B 96 6.50 12.84 10.55
N ARG B 96 6.57 12.78 10.59
CA ARG B 96 5.54 11.99 11.25
CA ARG B 96 5.50 12.04 11.23
C ARG B 96 4.22 12.76 11.47
C ARG B 96 4.26 12.93 11.32
N ARG B 97 3.12 12.03 11.49
N ARG B 97 3.10 12.04 11.51
CA ARG B 97 1.85 12.63 11.83
CA ARG B 97 1.81 12.63 11.83
C ARG B 97 1.92 13.21 13.25
C ARG B 97 1.75 13.13 13.27
N LYS B 98 1.38 14.40 13.45
CA LYS B 98 1.21 14.99 14.78
C LYS B 98 0.22 14.18 15.60
N SER B 99 0.41 14.17 16.91
CA SER B 99 -0.59 13.61 17.83
C SER B 99 -1.15 14.73 18.69
N LYS C 29 6.19 -5.99 21.30
CA LYS C 29 6.63 -5.81 19.93
C LYS C 29 8.05 -5.25 19.82
N PHE C 30 8.48 -4.51 20.85
CA PHE C 30 9.83 -3.95 20.85
C PHE C 30 10.74 -4.99 21.48
N LYS C 31 11.18 -5.90 20.64
CA LYS C 31 11.98 -7.03 21.05
C LYS C 31 12.84 -7.32 19.86
N PHE C 32 14.14 -7.14 20.04
CA PHE C 32 15.11 -7.40 18.99
C PHE C 32 16.29 -8.11 19.60
N SER C 33 17.05 -8.81 18.75
CA SER C 33 18.29 -9.45 19.19
C SER C 33 19.42 -9.11 18.24
N LYS C 34 20.54 -8.70 18.82
CA LYS C 34 21.72 -8.37 18.04
C LYS C 34 22.08 -9.51 17.11
N GLY C 35 22.32 -9.16 15.85
CA GLY C 35 22.71 -10.11 14.85
C GLY C 35 21.60 -10.69 14.01
N ASP C 36 20.36 -10.45 14.40
CA ASP C 36 19.23 -10.87 13.61
C ASP C 36 19.15 -10.02 12.33
N GLY C 37 18.31 -10.47 11.41
CA GLY C 37 18.01 -9.73 10.20
C GLY C 37 16.52 -9.76 9.98
N ILE C 38 16.01 -8.72 9.35
N ILE C 38 16.01 -8.70 9.38
CA ILE C 38 14.58 -8.59 9.13
CA ILE C 38 14.59 -8.55 9.10
C ILE C 38 14.33 -8.20 7.67
C ILE C 38 14.40 -8.24 7.62
N LYS C 39 13.54 -9.02 6.97
CA LYS C 39 13.15 -8.74 5.59
C LYS C 39 12.21 -7.55 5.58
N PHE C 40 12.50 -6.58 4.72
CA PHE C 40 11.71 -5.36 4.61
C PHE C 40 11.71 -4.93 3.16
N SER C 41 10.53 -4.70 2.59
CA SER C 41 10.45 -4.28 1.20
C SER C 41 11.22 -5.28 0.34
N ASN C 42 12.06 -4.82 -0.59
CA ASN C 42 12.89 -5.75 -1.37
C ASN C 42 14.32 -5.83 -0.86
N THR C 43 14.50 -5.64 0.44
CA THR C 43 15.82 -5.70 1.03
C THR C 43 15.72 -6.40 2.38
N THR C 44 16.81 -6.30 3.14
N THR C 44 16.82 -6.31 3.12
CA THR C 44 16.84 -6.78 4.51
CA THR C 44 16.87 -6.77 4.49
C THR C 44 17.68 -5.86 5.34
C THR C 44 17.51 -5.64 5.29
N PHE C 45 17.27 -5.66 6.59
CA PHE C 45 18.07 -4.85 7.51
C PHE C 45 18.60 -5.74 8.62
N HIS C 46 19.74 -5.34 9.16
CA HIS C 46 20.45 -6.09 10.18
C HIS C 46 20.29 -5.42 11.53
N ILE C 47 20.11 -6.22 12.59
CA ILE C 47 20.07 -5.67 13.93
C ILE C 47 21.51 -5.55 14.46
N TYR C 48 22.03 -4.33 14.44
CA TYR C 48 23.38 -4.08 14.92
C TYR C 48 23.46 -4.19 16.45
N GLU C 49 22.54 -3.53 17.13
CA GLU C 49 22.48 -3.55 18.60
C GLU C 49 21.03 -3.46 19.02
N ALA C 50 20.72 -4.05 20.17
CA ALA C 50 19.39 -3.99 20.72
C ALA C 50 19.48 -3.98 22.24
N THR C 51 18.79 -3.03 22.84
CA THR C 51 18.75 -2.86 24.29
C THR C 51 17.29 -2.74 24.71
N ARG C 52 17.07 -2.53 26.01
CA ARG C 52 15.70 -2.45 26.50
C ARG C 52 14.91 -1.33 25.83
N ASN C 53 15.56 -0.20 25.58
CA ASN C 53 14.88 0.98 25.06
C ASN C 53 15.27 1.39 23.65
N TYR C 54 16.33 0.80 23.09
CA TYR C 54 16.86 1.27 21.81
C TYR C 54 17.23 0.12 20.88
N VAL C 55 17.21 0.39 19.58
CA VAL C 55 17.67 -0.58 18.60
C VAL C 55 18.36 0.19 17.48
N THR C 56 19.47 -0.37 16.99
CA THR C 56 20.18 0.20 15.85
C THR C 56 20.17 -0.83 14.74
N ILE C 57 19.72 -0.40 13.57
CA ILE C 57 19.67 -1.25 12.39
C ILE C 57 20.64 -0.76 11.33
N HIS C 58 21.11 -1.69 10.50
CA HIS C 58 21.93 -1.39 9.33
C HIS C 58 21.09 -1.66 8.09
N ILE C 59 20.99 -0.66 7.22
CA ILE C 59 20.14 -0.77 6.03
C ILE C 59 20.74 0.10 4.94
N LEU C 60 20.46 -0.21 3.68
CA LEU C 60 20.85 0.69 2.60
C LEU C 60 20.16 2.04 2.76
N LYS C 61 20.92 3.11 2.50
CA LYS C 61 20.48 4.47 2.78
C LYS C 61 19.13 4.81 2.21
N LYS C 62 18.83 4.39 0.99
CA LYS C 62 17.61 4.84 0.36
C LYS C 62 16.35 4.37 1.08
N TYR C 63 16.47 3.35 1.91
CA TYR C 63 15.33 2.81 2.64
C TYR C 63 15.02 3.53 3.95
N ALA C 64 15.77 4.57 4.29
CA ALA C 64 15.57 5.28 5.55
C ALA C 64 14.48 6.36 5.39
N THR C 65 13.28 5.90 5.10
CA THR C 65 12.16 6.73 4.68
C THR C 65 10.85 6.23 5.30
N ALA C 66 9.74 6.79 4.87
CA ALA C 66 8.46 6.56 5.52
C ALA C 66 8.03 5.11 5.59
N GLU C 67 8.23 4.33 4.54
CA GLU C 67 7.79 2.94 4.59
C GLU C 67 8.49 2.17 5.72
N LEU C 68 9.78 2.39 5.88
CA LEU C 68 10.51 1.77 6.99
C LEU C 68 9.99 2.27 8.32
N MET C 69 9.76 3.57 8.42
CA MET C 69 9.26 4.12 9.68
C MET C 69 7.92 3.50 10.05
N GLU C 70 7.04 3.35 9.07
CA GLU C 70 5.73 2.74 9.33
C GLU C 70 5.89 1.29 9.80
N PHE C 71 6.78 0.56 9.15
CA PHE C 71 7.07 -0.84 9.50
C PHE C 71 7.59 -0.97 10.92
N MET C 72 8.56 -0.12 11.28
CA MET C 72 9.12 -0.17 12.63
C MET C 72 8.11 0.25 13.69
N HIS C 73 7.31 1.25 13.37
CA HIS C 73 6.28 1.79 14.26
C HIS C 73 5.22 0.74 14.54
N THR C 74 4.68 0.15 13.48
CA THR C 74 3.53 -0.74 13.61
C THR C 74 3.89 -2.16 13.98
N ARG C 75 5.01 -2.66 13.48
CA ARG C 75 5.35 -4.05 13.73
C ARG C 75 6.25 -4.21 14.94
N HIS C 76 6.99 -3.16 15.30
CA HIS C 76 8.01 -3.28 16.36
C HIS C 76 7.94 -2.22 17.46
N ASP C 77 6.89 -1.39 17.46
CA ASP C 77 6.73 -0.35 18.48
C ASP C 77 7.99 0.47 18.63
N ALA C 78 8.57 0.87 17.51
CA ALA C 78 9.85 1.55 17.48
C ALA C 78 9.72 2.82 16.66
N VAL C 79 10.27 3.92 17.17
CA VAL C 79 10.23 5.20 16.46
C VAL C 79 11.64 5.78 16.32
N TYR C 80 11.85 6.49 15.24
CA TYR C 80 13.19 6.96 14.92
C TYR C 80 13.68 8.06 15.84
N ILE C 81 14.90 7.92 16.36
N ILE C 81 14.91 7.95 16.36
CA ILE C 81 15.54 8.94 17.17
CA ILE C 81 15.53 9.06 17.05
C ILE C 81 16.88 9.44 16.58
C ILE C 81 16.82 9.53 16.41
N GLY C 82 17.55 8.63 15.76
CA GLY C 82 18.83 8.98 15.19
C GLY C 82 19.95 8.71 16.18
N PRO C 83 21.18 9.05 15.77
CA PRO C 83 21.53 9.64 14.48
C PRO C 83 21.53 8.62 13.34
N ILE C 84 21.65 9.14 12.14
CA ILE C 84 21.99 8.32 10.99
C ILE C 84 23.52 8.36 10.83
N LEU C 85 24.12 7.19 10.73
CA LEU C 85 25.56 7.04 10.51
C LEU C 85 25.77 6.48 9.11
N GLU C 86 26.32 7.27 8.21
CA GLU C 86 26.51 6.83 6.85
C GLU C 86 27.87 6.18 6.68
N TRP C 87 27.84 4.95 6.18
CA TRP C 87 29.04 4.19 5.87
C TRP C 87 29.05 3.84 4.39
N THR C 88 30.15 3.28 3.92
CA THR C 88 30.26 3.00 2.50
C THR C 88 29.23 1.97 2.04
N ASP C 89 28.90 1.00 2.90
CA ASP C 89 27.97 -0.09 2.56
C ASP C 89 26.52 0.03 3.03
N GLY C 90 26.18 1.12 3.67
CA GLY C 90 24.86 1.25 4.24
C GLY C 90 24.92 2.24 5.37
N VAL C 91 23.81 2.36 6.07
CA VAL C 91 23.71 3.31 7.17
C VAL C 91 23.24 2.60 8.43
N HIS C 92 23.65 3.13 9.57
CA HIS C 92 23.02 2.77 10.85
C HIS C 92 21.98 3.81 11.21
N LEU C 93 20.86 3.31 11.72
CA LEU C 93 19.73 4.13 12.19
C LEU C 93 19.37 3.66 13.57
N THR C 94 19.21 4.58 14.53
CA THR C 94 18.78 4.22 15.86
C THR C 94 17.34 4.63 16.11
N PHE C 95 16.59 3.72 16.72
CA PHE C 95 15.20 3.85 17.06
C PHE C 95 15.04 3.66 18.57
N ARG C 96 14.03 4.31 19.13
N ARG C 96 13.97 4.20 19.10
CA ARG C 96 13.66 4.21 20.53
CA ARG C 96 13.63 4.06 20.51
C ARG C 96 12.34 3.44 20.62
C ARG C 96 12.27 3.39 20.66
N ARG C 97 12.07 2.86 21.82
N ARG C 97 12.10 2.67 21.73
CA ARG C 97 10.80 2.19 22.10
CA ARG C 97 10.80 2.11 22.08
C ARG C 97 9.68 3.20 22.26
C ARG C 97 9.72 3.17 22.20
N LYS C 98 8.58 2.98 21.54
CA LYS C 98 7.43 3.90 21.66
C LYS C 98 6.99 4.18 23.09
N SER C 99 6.35 5.32 23.31
CA SER C 99 6.02 5.83 24.63
C SER C 99 4.75 5.19 25.19
N GLU D 28 -20.07 8.08 3.95
CA GLU D 28 -18.89 8.01 4.81
C GLU D 28 -17.82 7.06 4.27
N LYS D 29 -18.16 5.80 3.98
CA LYS D 29 -17.14 4.85 3.48
C LYS D 29 -16.80 5.07 2.02
N PHE D 30 -17.83 5.32 1.21
CA PHE D 30 -17.65 5.57 -0.20
C PHE D 30 -17.41 7.06 -0.37
N LYS D 31 -16.19 7.46 -0.10
CA LYS D 31 -15.81 8.85 -0.13
C LYS D 31 -14.36 8.89 -0.57
N PHE D 32 -14.13 9.57 -1.68
CA PHE D 32 -12.79 9.71 -2.25
C PHE D 32 -12.70 11.09 -2.85
N SER D 33 -11.47 11.54 -3.04
CA SER D 33 -11.19 12.79 -3.75
C SER D 33 -10.25 12.51 -4.90
N LYS D 34 -10.56 13.10 -6.04
CA LYS D 34 -9.70 13.03 -7.19
C LYS D 34 -8.26 13.38 -6.81
N GLY D 35 -7.33 12.52 -7.21
CA GLY D 35 -5.91 12.73 -7.01
C GLY D 35 -5.36 12.02 -5.79
N ASP D 36 -6.22 11.52 -4.91
CA ASP D 36 -5.75 10.87 -3.70
C ASP D 36 -4.97 9.60 -4.02
N GLY D 37 -4.03 9.27 -3.14
CA GLY D 37 -3.32 8.01 -3.17
C GLY D 37 -3.69 7.16 -1.98
N ILE D 38 -3.96 5.88 -2.22
CA ILE D 38 -4.39 4.98 -1.17
C ILE D 38 -3.48 3.77 -1.12
N LYS D 39 -2.96 3.49 0.07
N LYS D 39 -2.95 3.47 0.06
CA LYS D 39 -2.13 2.31 0.28
CA LYS D 39 -2.08 2.31 0.25
C LYS D 39 -2.99 1.05 0.21
C LYS D 39 -2.89 1.02 0.30
N PHE D 40 -2.52 0.07 -0.55
CA PHE D 40 -3.17 -1.24 -0.60
C PHE D 40 -2.10 -2.28 -0.80
N SER D 41 -2.09 -3.30 0.05
CA SER D 41 -1.11 -4.37 -0.08
C SER D 41 0.28 -3.73 -0.11
N ASN D 42 1.12 -4.11 -1.06
CA ASN D 42 2.45 -3.51 -1.16
C ASN D 42 2.54 -2.47 -2.26
N THR D 43 1.40 -1.85 -2.57
CA THR D 43 1.35 -0.84 -3.62
C THR D 43 0.54 0.38 -3.19
N THR D 44 0.36 1.33 -4.10
CA THR D 44 -0.51 2.48 -3.89
C THR D 44 -1.35 2.62 -5.14
N PHE D 45 -2.66 2.82 -4.99
CA PHE D 45 -3.50 3.15 -6.11
C PHE D 45 -3.93 4.61 -6.01
N HIS D 46 -4.29 5.19 -7.14
CA HIS D 46 -4.67 6.60 -7.16
C HIS D 46 -6.10 6.77 -7.63
N ILE D 47 -6.75 7.80 -7.12
CA ILE D 47 -8.13 8.10 -7.51
C ILE D 47 -8.12 8.98 -8.75
N TYR D 48 -8.59 8.43 -9.86
CA TYR D 48 -8.70 9.20 -11.09
C TYR D 48 -9.90 10.13 -11.04
N GLU D 49 -11.06 9.56 -10.68
CA GLU D 49 -12.32 10.32 -10.57
C GLU D 49 -13.12 9.73 -9.44
N ALA D 50 -13.91 10.58 -8.78
CA ALA D 50 -14.79 10.13 -7.73
C ALA D 50 -16.05 10.97 -7.72
N THR D 51 -17.18 10.27 -7.68
CA THR D 51 -18.50 10.89 -7.62
C THR D 51 -19.27 10.27 -6.47
N ARG D 52 -20.54 10.64 -6.34
CA ARG D 52 -21.33 10.15 -5.23
C ARG D 52 -21.50 8.65 -5.27
N ASN D 53 -21.60 8.10 -6.47
CA ASN D 53 -21.89 6.68 -6.65
C ASN D 53 -20.83 5.86 -7.38
N TYR D 54 -19.77 6.50 -7.89
CA TYR D 54 -18.75 5.80 -8.67
C TYR D 54 -17.35 6.29 -8.32
N VAL D 55 -16.36 5.42 -8.52
CA VAL D 55 -14.98 5.81 -8.36
C VAL D 55 -14.16 5.04 -9.40
N THR D 56 -13.19 5.73 -9.99
CA THR D 56 -12.23 5.09 -10.89
C THR D 56 -10.86 5.21 -10.27
N ILE D 57 -10.20 4.06 -10.11
CA ILE D 57 -8.87 3.99 -9.55
C ILE D 57 -7.86 3.61 -10.63
N HIS D 58 -6.62 4.02 -10.41
CA HIS D 58 -5.48 3.64 -11.23
C HIS D 58 -4.57 2.74 -10.41
N ILE D 59 -4.32 1.53 -10.91
CA ILE D 59 -3.55 0.54 -10.17
C ILE D 59 -2.85 -0.40 -11.15
N LEU D 60 -1.78 -1.06 -10.74
CA LEU D 60 -1.17 -2.10 -11.57
C LEU D 60 -2.17 -3.23 -11.78
N LYS D 61 -2.25 -3.71 -13.01
CA LYS D 61 -3.28 -4.66 -13.43
C LYS D 61 -3.26 -5.95 -12.61
N LYS D 62 -2.08 -6.41 -12.21
CA LYS D 62 -1.98 -7.69 -11.49
C LYS D 62 -2.74 -7.67 -10.17
N TYR D 63 -3.04 -6.47 -9.65
CA TYR D 63 -3.77 -6.34 -8.40
C TYR D 63 -5.30 -6.34 -8.57
N ALA D 64 -5.78 -6.51 -9.79
CA ALA D 64 -7.23 -6.49 -10.04
C ALA D 64 -7.83 -7.87 -9.77
N THR D 65 -7.74 -8.28 -8.50
CA THR D 65 -8.08 -9.62 -8.04
C THR D 65 -8.76 -9.52 -6.68
N ALA D 66 -9.02 -10.67 -6.06
CA ALA D 66 -9.86 -10.75 -4.87
C ALA D 66 -9.41 -9.87 -3.70
N GLU D 67 -8.11 -9.79 -3.43
CA GLU D 67 -7.70 -9.00 -2.28
C GLU D 67 -8.09 -7.53 -2.45
N LEU D 68 -7.90 -6.96 -3.64
CA LEU D 68 -8.34 -5.60 -3.89
C LEU D 68 -9.84 -5.48 -3.77
N MET D 69 -10.57 -6.44 -4.32
CA MET D 69 -12.03 -6.37 -4.25
C MET D 69 -12.50 -6.37 -2.81
N GLU D 70 -11.90 -7.20 -1.97
CA GLU D 70 -12.27 -7.25 -0.56
C GLU D 70 -11.98 -5.92 0.11
N PHE D 71 -10.82 -5.35 -0.16
CA PHE D 71 -10.45 -4.05 0.39
C PHE D 71 -11.47 -2.96 -0.01
N MET D 72 -11.78 -2.88 -1.30
CA MET D 72 -12.70 -1.85 -1.76
C MET D 72 -14.10 -2.04 -1.19
N HIS D 73 -14.54 -3.29 -1.10
CA HIS D 73 -15.88 -3.64 -0.61
C HIS D 73 -16.00 -3.34 0.88
N THR D 74 -15.05 -3.82 1.65
N THR D 74 -15.09 -3.86 1.67
CA THR D 74 -15.13 -3.74 3.10
CA THR D 74 -15.16 -3.69 3.12
C THR D 74 -14.75 -2.37 3.66
C THR D 74 -14.87 -2.26 3.56
N ARG D 75 -13.76 -1.71 3.07
CA ARG D 75 -13.31 -0.41 3.57
C ARG D 75 -14.03 0.76 2.89
N HIS D 76 -14.53 0.54 1.68
CA HIS D 76 -15.11 1.66 0.93
C HIS D 76 -16.50 1.45 0.33
N ASP D 77 -17.15 0.34 0.67
CA ASP D 77 -18.49 0.06 0.13
C ASP D 77 -18.50 0.16 -1.39
N ALA D 78 -17.45 -0.33 -2.02
CA ALA D 78 -17.28 -0.18 -3.46
C ALA D 78 -17.18 -1.55 -4.10
N VAL D 79 -17.90 -1.76 -5.21
CA VAL D 79 -17.86 -3.04 -5.94
C VAL D 79 -17.53 -2.80 -7.41
N TYR D 80 -16.80 -3.74 -7.99
CA TYR D 80 -16.25 -3.54 -9.33
C TYR D 80 -17.32 -3.67 -10.40
N ILE D 81 -17.36 -2.69 -11.32
CA ILE D 81 -18.25 -2.75 -12.47
C ILE D 81 -17.53 -2.70 -13.81
N GLY D 82 -16.30 -2.21 -13.83
CA GLY D 82 -15.57 -2.02 -15.08
C GLY D 82 -16.04 -0.77 -15.81
N PRO D 83 -15.53 -0.57 -17.03
CA PRO D 83 -14.56 -1.44 -17.69
C PRO D 83 -13.14 -1.26 -17.14
N ILE D 84 -12.25 -2.10 -17.65
CA ILE D 84 -10.82 -2.01 -17.34
C ILE D 84 -10.11 -1.38 -18.53
N LEU D 85 -9.42 -0.27 -18.29
CA LEU D 85 -8.78 0.52 -19.35
C LEU D 85 -7.28 0.52 -19.18
N GLU D 86 -6.55 0.26 -20.26
CA GLU D 86 -5.09 0.16 -20.20
C GLU D 86 -4.42 1.52 -20.35
N TRP D 87 -3.46 1.77 -19.46
CA TRP D 87 -2.60 2.94 -19.53
C TRP D 87 -1.15 2.50 -19.44
N THR D 88 -0.22 3.44 -19.52
CA THR D 88 1.19 3.08 -19.65
C THR D 88 1.81 2.51 -18.39
N ASP D 89 1.26 2.82 -17.22
CA ASP D 89 1.82 2.35 -15.96
C ASP D 89 0.80 1.63 -15.08
N GLY D 90 -0.36 1.29 -15.63
CA GLY D 90 -1.39 0.65 -14.85
C GLY D 90 -2.69 0.69 -15.61
N VAL D 91 -3.78 0.34 -14.93
CA VAL D 91 -5.10 0.33 -15.52
C VAL D 91 -6.06 1.21 -14.70
N HIS D 92 -7.07 1.72 -15.39
CA HIS D 92 -8.25 2.24 -14.72
C HIS D 92 -9.25 1.12 -14.47
N LEU D 93 -9.77 1.11 -13.24
CA LEU D 93 -10.85 0.22 -12.83
C LEU D 93 -11.96 1.07 -12.24
N THR D 94 -13.20 0.85 -12.68
CA THR D 94 -14.34 1.61 -12.13
C THR D 94 -15.17 0.73 -11.20
N PHE D 95 -15.54 1.33 -10.07
CA PHE D 95 -16.33 0.70 -9.02
C PHE D 95 -17.58 1.54 -8.75
N ARG D 96 -18.63 0.86 -8.30
N ARG D 96 -18.64 0.89 -8.31
CA ARG D 96 -19.91 1.46 -7.92
CA ARG D 96 -19.84 1.59 -7.90
C ARG D 96 -20.12 1.36 -6.41
C ARG D 96 -20.03 1.43 -6.40
N ARG D 97 -20.78 2.36 -5.84
CA ARG D 97 -21.14 2.33 -4.44
C ARG D 97 -22.18 1.24 -4.21
N LYS D 98 -21.93 0.41 -3.20
CA LYS D 98 -22.83 -0.65 -2.78
C LYS D 98 -22.92 -0.45 -1.28
N SER D 99 -23.84 0.40 -0.88
CA SER D 99 -24.12 0.69 0.54
C SER D 99 -25.16 -0.28 1.12
#